data_5SCO
#
_entry.id   5SCO
#
_cell.length_a   29.300
_cell.length_b   67.410
_cell.length_c   78.330
_cell.angle_alpha   90.000
_cell.angle_beta   90.000
_cell.angle_gamma   90.000
#
_symmetry.space_group_name_H-M   'P 21 21 21'
#
loop_
_entity.id
_entity.type
_entity.pdbx_description
1 polymer 'Dihydrofolate reductase'
2 non-polymer 'NADP NICOTINAMIDE-ADENINE-DINUCLEOTIDE PHOSPHATE'
3 non-polymer 2-(2-{3-[(2,4-diamino-6-ethylpyrimidin-5-yl)oxy]propoxy}phenyl)-N,N-dimethylethane-1-sulfonamide
4 non-polymer 'BROMIDE ION'
5 water water
#
_entity_poly.entity_id   1
_entity_poly.type   'polypeptide(L)'
_entity_poly.pdbx_seq_one_letter_code
;MGSSHHHHHHSSGLVPRGSHMVGLIWAQATSGVIGRGGDIPWRLPEDQAHFREITMGHTIVMGRRTWDSLPAKVRPLPGR
RNVVLSRQADFMASGAEVVGSLEEALTSPETWVIGGGQVYALALPYATRCEVTEVDIGLPREAGDALAPVLDETWRGETG
EWRFSRSGLRYRLYSYHRS
;
_entity_poly.pdbx_strand_id   A
#
# COMPACT_ATOMS: atom_id res chain seq x y z
N LEU A 14 4.76 -8.16 17.35
CA LEU A 14 6.01 -7.53 17.79
C LEU A 14 7.16 -7.74 16.82
N VAL A 15 7.84 -6.67 16.46
CA VAL A 15 8.95 -6.78 15.52
C VAL A 15 10.28 -6.57 16.28
N PRO A 16 11.15 -7.57 16.32
CA PRO A 16 12.50 -7.33 16.88
C PRO A 16 13.24 -6.22 16.10
N ARG A 17 14.01 -5.38 16.78
CA ARG A 17 14.50 -4.20 16.06
C ARG A 17 15.59 -4.53 15.06
N GLY A 18 16.16 -5.73 15.17
CA GLY A 18 17.14 -6.23 14.21
C GLY A 18 16.56 -6.89 12.98
N SER A 19 15.23 -7.01 12.93
CA SER A 19 14.50 -7.63 11.83
CA SER A 19 14.63 -7.66 11.78
C SER A 19 14.17 -6.65 10.73
N HIS A 20 13.59 -7.15 9.63
CA HIS A 20 13.04 -6.31 8.59
C HIS A 20 11.65 -6.81 8.18
N MET A 21 10.62 -6.36 8.87
CA MET A 21 9.24 -6.73 8.57
C MET A 21 8.79 -5.90 7.39
N VAL A 22 8.48 -6.54 6.26
CA VAL A 22 7.93 -5.83 5.10
C VAL A 22 6.44 -6.22 5.00
N GLY A 23 5.58 -5.21 5.05
CA GLY A 23 4.15 -5.39 4.84
C GLY A 23 3.67 -4.63 3.62
N LEU A 24 2.61 -5.11 2.98
CA LEU A 24 1.92 -4.38 1.91
C LEU A 24 0.55 -4.01 2.42
N ILE A 25 0.09 -2.80 2.06
CA ILE A 25 -1.25 -2.38 2.44
C ILE A 25 -1.87 -1.75 1.21
N TRP A 26 -3.08 -2.19 0.85
CA TRP A 26 -3.79 -1.65 -0.30
C TRP A 26 -5.29 -1.79 -0.11
N ALA A 27 -6.01 -1.01 -0.91
CA ALA A 27 -7.47 -1.16 -1.08
C ALA A 27 -7.78 -1.56 -2.53
N GLN A 28 -8.58 -2.60 -2.72
CA GLN A 28 -8.92 -3.03 -4.07
C GLN A 28 -10.41 -3.20 -4.24
N ALA A 29 -10.87 -2.94 -5.46
CA ALA A 29 -12.17 -3.47 -5.87
C ALA A 29 -12.11 -4.99 -5.88
N THR A 30 -13.27 -5.64 -5.85
CA THR A 30 -13.31 -7.10 -5.90
C THR A 30 -12.52 -7.65 -7.09
N SER A 31 -12.61 -6.95 -8.23
CA SER A 31 -11.92 -7.35 -9.44
C SER A 31 -10.41 -7.31 -9.37
N GLY A 32 -9.86 -6.60 -8.37
CA GLY A 32 -8.41 -6.40 -8.31
C GLY A 32 -7.95 -5.01 -8.68
N VAL A 33 -8.84 -4.18 -9.18
CA VAL A 33 -8.47 -2.80 -9.54
C VAL A 33 -8.10 -1.99 -8.31
N ILE A 34 -6.93 -1.34 -8.37
CA ILE A 34 -6.54 -0.41 -7.29
C ILE A 34 -6.37 1.02 -7.77
N GLY A 35 -6.14 1.20 -9.08
CA GLY A 35 -5.90 2.54 -9.59
C GLY A 35 -6.30 2.68 -11.04
N ARG A 36 -6.67 3.90 -11.41
CA ARG A 36 -7.18 4.13 -12.75
C ARG A 36 -7.02 5.61 -13.03
N GLY A 37 -6.39 5.95 -14.17
CA GLY A 37 -6.19 7.36 -14.52
C GLY A 37 -5.39 8.15 -13.49
N GLY A 38 -4.51 7.45 -12.77
CA GLY A 38 -3.66 8.09 -11.77
C GLY A 38 -4.35 8.43 -10.46
N ASP A 39 -5.46 7.77 -10.20
CA ASP A 39 -6.30 8.03 -9.02
C ASP A 39 -6.81 6.69 -8.46
N ILE A 40 -7.30 6.70 -7.22
CA ILE A 40 -8.10 5.58 -6.70
C ILE A 40 -9.53 5.85 -7.12
N PRO A 41 -10.22 4.88 -7.77
CA PRO A 41 -11.52 5.22 -8.38
C PRO A 41 -12.72 5.04 -7.46
N TRP A 42 -12.55 5.43 -6.20
CA TRP A 42 -13.60 5.51 -5.19
C TRP A 42 -13.02 6.35 -4.05
N ARG A 43 -13.84 6.68 -3.06
CA ARG A 43 -13.33 7.33 -1.83
C ARG A 43 -13.99 6.63 -0.66
N LEU A 44 -13.19 6.28 0.34
CA LEU A 44 -13.65 5.50 1.46
C LEU A 44 -12.95 5.98 2.73
N PRO A 45 -13.54 6.97 3.41
CA PRO A 45 -12.93 7.53 4.63
C PRO A 45 -12.56 6.48 5.69
N GLU A 46 -13.36 5.44 5.92
CA GLU A 46 -12.97 4.41 6.89
C GLU A 46 -11.66 3.75 6.49
N ASP A 47 -11.45 3.58 5.19
CA ASP A 47 -10.20 2.97 4.74
C ASP A 47 -9.03 3.95 4.88
N GLN A 48 -9.27 5.24 4.67
CA GLN A 48 -8.22 6.25 4.92
C GLN A 48 -7.77 6.18 6.38
N ALA A 49 -8.74 6.06 7.29
CA ALA A 49 -8.42 6.00 8.70
C ALA A 49 -7.64 4.71 9.04
N HIS A 50 -8.07 3.60 8.45
CA HIS A 50 -7.43 2.31 8.66
C HIS A 50 -5.98 2.34 8.17
N PHE A 51 -5.79 2.95 7.01
CA PHE A 51 -4.45 3.08 6.42
C PHE A 51 -3.53 3.85 7.39
N ARG A 52 -4.04 4.94 7.96
CA ARG A 52 -3.26 5.67 8.97
C ARG A 52 -2.94 4.86 10.21
N GLU A 53 -3.94 4.15 10.75
CA GLU A 53 -3.72 3.38 11.98
C GLU A 53 -2.62 2.36 11.79
N ILE A 54 -2.56 1.72 10.63
CA ILE A 54 -1.57 0.69 10.39
C ILE A 54 -0.18 1.30 10.16
N THR A 55 -0.11 2.35 9.34
CA THR A 55 1.19 2.84 8.89
C THR A 55 1.86 3.86 9.83
N MET A 56 1.10 4.49 10.72
CA MET A 56 1.66 5.61 11.49
C MET A 56 2.89 5.19 12.32
N GLY A 57 3.95 6.00 12.26
CA GLY A 57 5.13 5.69 13.02
C GLY A 57 6.15 4.80 12.34
N HIS A 58 5.84 4.32 11.13
CA HIS A 58 6.71 3.41 10.39
C HIS A 58 7.20 4.03 9.10
N THR A 59 8.12 3.37 8.43
CA THR A 59 8.54 3.78 7.09
C THR A 59 7.47 3.36 6.09
N ILE A 60 7.16 4.28 5.16
CA ILE A 60 6.26 3.93 4.05
C ILE A 60 7.03 4.08 2.75
N VAL A 61 6.84 3.09 1.87
CA VAL A 61 7.55 3.04 0.59
C VAL A 61 6.50 3.09 -0.53
N MET A 62 6.71 3.97 -1.53
CA MET A 62 5.74 4.10 -2.60
C MET A 62 6.46 4.29 -3.92
N GLY A 63 5.86 3.83 -5.01
CA GLY A 63 6.41 4.18 -6.30
C GLY A 63 6.17 5.64 -6.65
N ARG A 64 6.95 6.15 -7.61
CA ARG A 64 6.87 7.56 -7.98
C ARG A 64 5.44 7.94 -8.44
N ARG A 65 4.75 7.06 -9.16
CA ARG A 65 3.41 7.45 -9.63
C ARG A 65 2.44 7.58 -8.46
N THR A 66 2.64 6.78 -7.41
CA THR A 66 1.82 6.92 -6.20
C THR A 66 2.14 8.25 -5.49
N TRP A 67 3.41 8.64 -5.41
CA TRP A 67 3.75 9.95 -4.88
C TRP A 67 3.01 11.06 -5.66
N ASP A 68 3.04 10.96 -6.98
CA ASP A 68 2.37 11.93 -7.86
C ASP A 68 0.87 11.97 -7.56
N SER A 69 0.29 10.83 -7.20
CA SER A 69 -1.17 10.76 -6.99
C SER A 69 -1.57 11.40 -5.66
N LEU A 70 -0.62 11.58 -4.74
CA LEU A 70 -0.90 12.25 -3.47
C LEU A 70 -1.08 13.75 -3.71
N PRO A 71 -2.05 14.38 -3.06
CA PRO A 71 -2.15 15.85 -3.20
C PRO A 71 -0.88 16.54 -2.79
N ALA A 72 -0.52 17.57 -3.54
CA ALA A 72 0.77 18.24 -3.38
C ALA A 72 0.95 18.85 -2.01
N LYS A 73 -0.12 19.38 -1.43
CA LYS A 73 0.01 20.11 -0.16
C LYS A 73 0.28 19.13 0.99
N VAL A 74 -0.17 17.90 0.83
CA VAL A 74 -0.22 16.93 1.92
C VAL A 74 1.07 16.10 2.00
N ARG A 75 1.54 15.61 0.87
CA ARG A 75 2.77 14.84 0.85
C ARG A 75 3.97 15.70 1.29
N PRO A 76 4.93 15.10 2.00
CA PRO A 76 4.97 13.71 2.45
C PRO A 76 3.96 13.44 3.56
N LEU A 77 3.45 12.22 3.61
CA LEU A 77 2.43 11.90 4.62
C LEU A 77 3.05 11.99 6.01
N PRO A 78 2.41 12.73 6.94
CA PRO A 78 3.09 13.00 8.20
C PRO A 78 3.15 11.80 9.13
N GLY A 79 4.11 11.86 10.05
CA GLY A 79 4.26 10.87 11.09
C GLY A 79 4.88 9.57 10.63
N ARG A 80 5.35 9.53 9.38
CA ARG A 80 5.96 8.36 8.75
C ARG A 80 7.16 8.80 7.92
N ARG A 81 8.21 7.99 7.89
CA ARG A 81 9.35 8.23 7.01
C ARG A 81 8.93 7.86 5.58
N ASN A 82 8.81 8.83 4.68
CA ASN A 82 8.33 8.57 3.30
C ASN A 82 9.52 8.26 2.40
N VAL A 83 9.42 7.16 1.65
CA VAL A 83 10.44 6.75 0.69
C VAL A 83 9.75 6.60 -0.65
N VAL A 84 10.30 7.25 -1.67
CA VAL A 84 9.81 7.16 -3.04
C VAL A 84 10.78 6.41 -3.91
N LEU A 85 10.28 5.40 -4.62
CA LEU A 85 11.09 4.66 -5.60
CA LEU A 85 11.09 4.66 -5.57
C LEU A 85 10.98 5.31 -6.95
N SER A 86 12.12 5.75 -7.49
CA SER A 86 12.18 6.29 -8.85
C SER A 86 13.53 5.98 -9.48
N ARG A 87 13.57 5.85 -10.79
CA ARG A 87 14.84 5.75 -11.49
C ARG A 87 15.35 7.14 -11.93
N GLN A 88 14.58 8.19 -11.66
CA GLN A 88 14.99 9.55 -12.02
C GLN A 88 15.87 10.16 -10.93
N ALA A 89 17.15 10.28 -11.24
CA ALA A 89 18.13 10.73 -10.26
C ALA A 89 17.81 12.10 -9.72
N ASP A 90 17.22 12.98 -10.53
CA ASP A 90 16.94 14.37 -10.15
C ASP A 90 15.48 14.58 -9.70
N PHE A 91 14.76 13.50 -9.40
CA PHE A 91 13.35 13.66 -9.01
C PHE A 91 13.20 14.52 -7.76
N MET A 92 12.24 15.44 -7.78
CA MET A 92 11.99 16.28 -6.63
C MET A 92 10.82 15.74 -5.79
N ALA A 93 11.12 15.36 -4.55
CA ALA A 93 10.13 14.85 -3.62
C ALA A 93 10.49 15.42 -2.26
N SER A 94 10.32 16.72 -2.12
CA SER A 94 10.67 17.42 -0.89
C SER A 94 10.03 16.79 0.35
N GLY A 95 10.87 16.44 1.33
CA GLY A 95 10.37 15.84 2.57
C GLY A 95 10.36 14.32 2.55
N ALA A 96 10.56 13.74 1.38
CA ALA A 96 10.71 12.29 1.27
C ALA A 96 12.14 12.06 0.90
N GLU A 97 12.56 10.79 0.84
CA GLU A 97 13.84 10.42 0.29
C GLU A 97 13.56 9.57 -0.94
N VAL A 98 14.37 9.74 -1.99
CA VAL A 98 14.22 9.01 -3.23
C VAL A 98 15.34 7.97 -3.36
N VAL A 99 14.93 6.74 -3.64
CA VAL A 99 15.86 5.65 -3.86
C VAL A 99 15.57 4.99 -5.19
N GLY A 100 16.61 4.44 -5.82
CA GLY A 100 16.48 3.85 -7.13
C GLY A 100 16.36 2.33 -7.18
N SER A 101 16.28 1.69 -6.02
CA SER A 101 16.03 0.24 -5.97
C SER A 101 15.21 -0.10 -4.74
N LEU A 102 14.37 -1.13 -4.89
CA LEU A 102 13.47 -1.50 -3.81
C LEU A 102 14.28 -1.89 -2.60
N GLU A 103 15.33 -2.67 -2.78
CA GLU A 103 16.03 -3.19 -1.63
C GLU A 103 16.60 -2.03 -0.77
N GLU A 104 17.00 -0.93 -1.40
CA GLU A 104 17.45 0.27 -0.66
C GLU A 104 16.34 0.93 0.16
N ALA A 105 15.10 0.64 -0.17
CA ALA A 105 13.94 1.20 0.52
C ALA A 105 13.53 0.38 1.74
N LEU A 106 14.14 -0.78 1.96
CA LEU A 106 13.64 -1.76 2.93
C LEU A 106 14.62 -1.96 4.09
N THR A 107 15.26 -0.90 4.53
CA THR A 107 16.26 -1.03 5.59
C THR A 107 15.71 -0.80 7.02
N SER A 108 14.49 -0.31 7.16
CA SER A 108 13.91 -0.06 8.50
C SER A 108 13.45 -1.36 9.15
N PRO A 109 13.22 -1.35 10.47
CA PRO A 109 12.71 -2.59 11.08
C PRO A 109 11.29 -2.94 10.60
N GLU A 110 10.46 -1.94 10.36
CA GLU A 110 9.07 -2.16 9.90
CA GLU A 110 9.08 -2.14 9.92
C GLU A 110 8.78 -1.21 8.74
N THR A 111 8.42 -1.80 7.60
CA THR A 111 8.17 -1.02 6.41
C THR A 111 6.83 -1.41 5.85
N TRP A 112 6.01 -0.40 5.50
CA TRP A 112 4.77 -0.63 4.77
C TRP A 112 4.92 -0.10 3.34
N VAL A 113 4.73 -1.00 2.37
CA VAL A 113 4.68 -0.64 0.96
C VAL A 113 3.25 -0.19 0.71
N ILE A 114 3.08 1.04 0.23
CA ILE A 114 1.75 1.66 0.15
C ILE A 114 1.28 1.91 -1.30
N GLY A 115 2.00 1.33 -2.26
CA GLY A 115 1.59 1.30 -3.65
C GLY A 115 2.68 1.76 -4.59
N GLY A 116 2.45 1.72 -5.91
CA GLY A 116 1.21 1.29 -6.54
C GLY A 116 1.35 -0.11 -7.09
N GLY A 117 0.65 -0.37 -8.19
CA GLY A 117 0.66 -1.70 -8.79
C GLY A 117 2.04 -2.28 -9.00
N GLN A 118 2.92 -1.49 -9.62
CA GLN A 118 4.25 -1.96 -9.93
C GLN A 118 5.02 -2.29 -8.65
N VAL A 119 4.95 -1.42 -7.66
CA VAL A 119 5.81 -1.60 -6.49
C VAL A 119 5.27 -2.74 -5.59
N TYR A 120 3.95 -2.93 -5.50
CA TYR A 120 3.46 -4.11 -4.77
C TYR A 120 4.03 -5.40 -5.36
N ALA A 121 4.02 -5.49 -6.67
CA ALA A 121 4.48 -6.70 -7.34
C ALA A 121 5.96 -6.96 -7.06
N LEU A 122 6.75 -5.88 -7.07
CA LEU A 122 8.17 -6.00 -6.75
C LEU A 122 8.43 -6.41 -5.32
N ALA A 123 7.63 -5.88 -4.40
CA ALA A 123 7.93 -6.09 -2.99
C ALA A 123 7.38 -7.40 -2.44
N LEU A 124 6.38 -7.98 -3.09
CA LEU A 124 5.69 -9.15 -2.55
C LEU A 124 6.66 -10.28 -2.11
N PRO A 125 7.69 -10.63 -2.90
CA PRO A 125 8.59 -11.70 -2.42
C PRO A 125 9.26 -11.48 -1.06
N TYR A 126 9.35 -10.23 -0.62
CA TYR A 126 10.00 -9.95 0.68
C TYR A 126 8.97 -9.83 1.80
N ALA A 127 7.69 -9.77 1.45
CA ALA A 127 6.65 -9.41 2.40
C ALA A 127 6.19 -10.57 3.23
N THR A 128 5.84 -10.28 4.49
CA THR A 128 5.25 -11.28 5.36
C THR A 128 3.90 -10.86 5.93
N ARG A 129 3.45 -9.65 5.62
CA ARG A 129 2.08 -9.21 5.96
C ARG A 129 1.43 -8.49 4.79
N CYS A 130 0.14 -8.70 4.63
CA CYS A 130 -0.69 -7.90 3.71
C CYS A 130 -1.95 -7.46 4.43
N GLU A 131 -2.23 -6.16 4.41
CA GLU A 131 -3.43 -5.62 5.04
C GLU A 131 -4.26 -5.11 3.87
N VAL A 132 -5.33 -5.83 3.56
CA VAL A 132 -6.11 -5.58 2.36
C VAL A 132 -7.50 -5.08 2.72
N THR A 133 -7.93 -4.03 2.06
CA THR A 133 -9.34 -3.60 2.11
C THR A 133 -9.98 -4.00 0.82
N GLU A 134 -11.06 -4.79 0.87
CA GLU A 134 -11.81 -5.11 -0.34
C GLU A 134 -13.02 -4.20 -0.39
N VAL A 135 -13.17 -3.46 -1.48
CA VAL A 135 -14.28 -2.50 -1.69
C VAL A 135 -15.31 -3.14 -2.61
N ASP A 136 -16.56 -3.16 -2.18
CA ASP A 136 -17.64 -3.80 -2.95
C ASP A 136 -18.16 -2.86 -4.03
N ILE A 137 -17.34 -2.71 -5.05
CA ILE A 137 -17.65 -1.88 -6.18
C ILE A 137 -17.29 -2.74 -7.39
N GLY A 138 -18.22 -2.83 -8.33
CA GLY A 138 -18.03 -3.75 -9.43
C GLY A 138 -17.29 -3.20 -10.63
N LEU A 139 -16.29 -2.39 -10.38
CA LEU A 139 -15.40 -1.94 -11.45
C LEU A 139 -14.67 -3.12 -12.05
N PRO A 140 -14.90 -3.45 -13.34
CA PRO A 140 -14.13 -4.51 -13.98
C PRO A 140 -12.70 -4.06 -14.29
N ARG A 141 -11.77 -5.02 -14.38
CA ARG A 141 -10.44 -4.70 -14.85
C ARG A 141 -10.52 -4.18 -16.27
N GLU A 142 -9.83 -3.06 -16.49
CA GLU A 142 -9.81 -2.38 -17.78
C GLU A 142 -8.38 -2.09 -18.22
N ALA A 143 -8.21 -1.87 -19.52
CA ALA A 143 -6.90 -1.55 -20.08
C ALA A 143 -6.28 -0.35 -19.36
N GLY A 144 -5.03 -0.46 -18.93
CA GLY A 144 -4.35 0.63 -18.24
C GLY A 144 -4.50 0.72 -16.72
N ASP A 145 -5.38 -0.10 -16.13
CA ASP A 145 -5.58 -0.07 -14.69
C ASP A 145 -4.34 -0.53 -13.94
N ALA A 146 -4.16 0.00 -12.74
CA ALA A 146 -3.24 -0.58 -11.78
C ALA A 146 -4.00 -1.66 -11.01
N LEU A 147 -3.34 -2.81 -10.76
CA LEU A 147 -3.98 -3.98 -10.15
C LEU A 147 -3.24 -4.40 -8.88
N ALA A 148 -3.97 -5.02 -7.95
CA ALA A 148 -3.40 -5.59 -6.75
C ALA A 148 -2.71 -6.90 -7.04
N PRO A 149 -1.74 -7.31 -6.21
CA PRO A 149 -1.26 -8.70 -6.27
C PRO A 149 -2.37 -9.69 -6.01
N VAL A 150 -2.22 -10.91 -6.52
CA VAL A 150 -3.05 -12.06 -6.13
C VAL A 150 -2.20 -12.87 -5.17
N LEU A 151 -2.70 -13.11 -3.96
CA LEU A 151 -1.88 -13.83 -2.98
C LEU A 151 -1.96 -15.36 -3.18
N ASP A 152 -0.79 -15.98 -3.28
CA ASP A 152 -0.69 -17.42 -3.51
C ASP A 152 -0.94 -18.17 -2.19
N GLU A 153 -0.79 -19.48 -2.25
CA GLU A 153 -1.17 -20.36 -1.15
C GLU A 153 -0.25 -20.23 0.07
N THR A 154 0.89 -19.56 -0.05
CA THR A 154 1.71 -19.36 1.14
C THR A 154 1.10 -18.34 2.12
N TRP A 155 0.16 -17.52 1.64
CA TRP A 155 -0.49 -16.48 2.44
C TRP A 155 -1.74 -16.99 3.12
N ARG A 156 -1.93 -16.63 4.38
CA ARG A 156 -3.09 -17.09 5.15
C ARG A 156 -3.52 -16.00 6.10
N GLY A 157 -4.76 -16.04 6.57
CA GLY A 157 -5.18 -15.09 7.56
C GLY A 157 -6.67 -15.06 7.74
N GLU A 158 -7.14 -13.90 8.18
CA GLU A 158 -8.53 -13.73 8.50
C GLU A 158 -9.22 -12.76 7.57
N THR A 159 -10.47 -13.10 7.27
CA THR A 159 -11.35 -12.31 6.42
C THR A 159 -12.47 -11.73 7.27
N GLY A 160 -12.60 -10.42 7.26
CA GLY A 160 -13.62 -9.77 8.06
C GLY A 160 -14.99 -9.80 7.38
N GLU A 161 -16.00 -9.39 8.12
CA GLU A 161 -17.36 -9.38 7.56
C GLU A 161 -17.55 -8.14 6.72
N TRP A 162 -18.38 -8.23 5.69
CA TRP A 162 -18.79 -7.02 4.96
C TRP A 162 -19.49 -6.08 5.91
N ARG A 163 -19.23 -4.79 5.74
CA ARG A 163 -20.00 -3.77 6.46
C ARG A 163 -20.27 -2.59 5.54
N PHE A 164 -21.35 -1.87 5.79
CA PHE A 164 -21.60 -0.59 5.11
C PHE A 164 -20.74 0.50 5.76
N SER A 165 -19.93 1.17 4.97
CA SER A 165 -19.28 2.38 5.45
C SER A 165 -20.34 3.47 5.65
N ARG A 166 -19.94 4.54 6.31
CA ARG A 166 -20.83 5.68 6.49
C ARG A 166 -21.34 6.21 5.16
N SER A 167 -20.46 6.22 4.16
CA SER A 167 -20.81 6.70 2.83
C SER A 167 -21.79 5.78 2.10
N GLY A 168 -21.87 4.53 2.52
CA GLY A 168 -22.74 3.53 1.91
C GLY A 168 -21.97 2.44 1.19
N LEU A 169 -20.77 2.77 0.75
CA LEU A 169 -19.94 1.80 0.06
C LEU A 169 -19.60 0.62 1.01
N ARG A 170 -19.82 -0.62 0.59
CA ARG A 170 -19.50 -1.77 1.45
C ARG A 170 -18.03 -2.11 1.35
N TYR A 171 -17.45 -2.58 2.45
CA TYR A 171 -16.05 -3.03 2.44
C TYR A 171 -15.82 -4.11 3.48
N ARG A 172 -14.70 -4.82 3.34
CA ARG A 172 -14.27 -5.73 4.39
C ARG A 172 -12.78 -5.74 4.39
N LEU A 173 -12.23 -6.12 5.53
CA LEU A 173 -10.79 -6.12 5.77
C LEU A 173 -10.24 -7.56 5.84
N TYR A 174 -9.09 -7.77 5.19
CA TYR A 174 -8.33 -8.99 5.27
C TYR A 174 -7.00 -8.66 5.95
N SER A 175 -6.59 -9.49 6.91
CA SER A 175 -5.29 -9.40 7.50
CA SER A 175 -5.26 -9.40 7.47
C SER A 175 -4.57 -10.72 7.20
N TYR A 176 -3.63 -10.71 6.27
CA TYR A 176 -2.94 -11.92 5.86
C TYR A 176 -1.46 -11.86 6.22
N HIS A 177 -0.87 -13.04 6.35
CA HIS A 177 0.55 -13.12 6.68
C HIS A 177 1.14 -14.40 6.13
N ARG A 178 2.47 -14.44 6.10
CA ARG A 178 3.16 -15.69 5.83
C ARG A 178 4.49 -15.71 6.58
N SER A 179 5.19 -16.84 6.54
CA SER A 179 6.40 -16.99 7.31
C SER A 179 7.56 -16.22 6.73
#